data_8BE3
#
_entry.id   8BE3
#
_cell.length_a   49.850
_cell.length_b   130.500
_cell.length_c   55.600
_cell.angle_alpha   90.000
_cell.angle_beta   116.250
_cell.angle_gamma   90.000
#
_symmetry.space_group_name_H-M   'P 1 21 1'
#
loop_
_entity.id
_entity.type
_entity.pdbx_description
1 polymer Nanobody84
2 polymer 'Isoform 2B of GTPase KRas'
3 non-polymer 'MAGNESIUM ION'
4 non-polymer "GUANOSINE-5'-DIPHOSPHATE"
5 water water
#
loop_
_entity_poly.entity_id
_entity_poly.type
_entity_poly.pdbx_seq_one_letter_code
_entity_poly.pdbx_strand_id
1 'polypeptide(L)'
;QVQLVESGGGLVQAGESLRLSCAASVSIFSINTMGWYRQAPGKPRELVARIFTGGSTYYVDSVKGRFTISRDNAKNTVYL
QMNQLKPEDTGVYYCRLGADYWGQGTQVTVSSHHHHHHEPEA
;
AA0A,A00A
2 'polypeptide(L)'
;MGSSHHHHHHSSGENLYFQGSMTEYKLVVVGAVGVGKSALTIQLIQNHFVDEYDPTIEDSYRKQVVIDGETCLLDILDTA
GQEEYSAMRDQYMRTGEGFLCVFAINNTKSFEDIHHYREQIKRVKDSEDVPMVLVGNKCDLPSRTVDTKQAQDLARSYGI
PFIETSAKTRQGVDDAFYTLVREIRKHKEK
;
R,A
#
# COMPACT_ATOMS: atom_id res chain seq x y z
N GLN A 3 -38.45 22.18 14.87
CA GLN A 3 -38.04 23.11 15.90
C GLN A 3 -36.92 22.63 16.83
N LEU A 4 -35.79 23.26 16.77
CA LEU A 4 -34.66 22.86 17.61
C LEU A 4 -34.32 23.98 18.59
N VAL A 5 -34.23 23.64 19.86
CA VAL A 5 -33.76 24.55 20.89
C VAL A 5 -32.30 24.23 21.18
N GLU A 6 -31.42 25.19 20.94
N GLU A 6 -31.42 25.21 20.99
CA GLU A 6 -30.00 25.04 21.22
CA GLU A 6 -29.99 25.06 21.19
C GLU A 6 -29.62 25.88 22.43
C GLU A 6 -29.53 25.93 22.35
N SER A 7 -28.65 25.40 23.18
CA SER A 7 -28.16 26.10 24.36
C SER A 7 -26.82 25.49 24.77
N GLY A 8 -26.22 26.07 25.81
CA GLY A 8 -24.99 25.56 26.38
C GLY A 8 -23.75 26.34 26.01
N GLY A 9 -23.83 27.26 25.04
CA GLY A 9 -22.68 28.06 24.67
C GLY A 9 -22.43 29.19 25.67
N GLY A 10 -21.39 29.95 25.37
CA GLY A 10 -21.06 31.10 26.21
C GLY A 10 -19.58 31.41 26.12
N LEU A 11 -19.17 32.41 26.91
CA LEU A 11 -17.79 32.85 26.98
C LEU A 11 -17.13 32.23 28.21
N VAL A 12 -16.05 31.50 27.99
CA VAL A 12 -15.31 30.82 29.06
C VAL A 12 -13.82 31.08 28.87
N GLN A 13 -13.07 30.71 29.90
CA GLN A 13 -11.62 30.77 29.85
C GLN A 13 -11.07 29.42 29.38
N ALA A 14 -9.86 29.45 28.82
CA ALA A 14 -9.21 28.23 28.37
C ALA A 14 -9.07 27.25 29.52
N GLY A 15 -9.26 25.96 29.21
CA GLY A 15 -9.22 24.92 30.20
C GLY A 15 -10.55 24.56 30.82
N GLU A 16 -11.56 25.42 30.69
CA GLU A 16 -12.88 25.16 31.24
C GLU A 16 -13.67 24.26 30.28
N SER A 17 -14.95 24.06 30.57
CA SER A 17 -15.75 23.12 29.81
C SER A 17 -17.15 23.69 29.58
N LEU A 18 -17.79 23.19 28.52
CA LEU A 18 -19.18 23.50 28.21
C LEU A 18 -19.86 22.22 27.72
N ARG A 19 -21.17 22.17 27.88
CA ARG A 19 -21.98 21.10 27.31
C ARG A 19 -23.02 21.73 26.39
N LEU A 20 -22.83 21.57 25.08
CA LEU A 20 -23.80 22.07 24.12
C LEU A 20 -24.97 21.10 24.00
N SER A 21 -26.16 21.65 23.80
CA SER A 21 -27.38 20.88 23.80
C SER A 21 -28.24 21.26 22.60
N CYS A 22 -28.92 20.27 22.05
CA CYS A 22 -29.76 20.44 20.86
C CYS A 22 -31.02 19.59 21.09
N ALA A 23 -32.12 20.26 21.44
CA ALA A 23 -33.35 19.59 21.83
C ALA A 23 -34.41 19.74 20.75
N ALA A 24 -34.93 18.62 20.28
CA ALA A 24 -35.93 18.60 19.22
C ALA A 24 -37.34 18.52 19.80
N SER A 25 -38.28 19.12 19.10
CA SER A 25 -39.68 19.02 19.50
C SER A 25 -40.25 17.65 19.14
N VAL A 26 -39.69 17.00 18.14
CA VAL A 26 -40.19 15.74 17.63
C VAL A 26 -39.29 14.61 18.11
N SER A 27 -39.81 13.38 18.03
CA SER A 27 -39.02 12.21 18.37
C SER A 27 -37.83 12.09 17.42
N ILE A 28 -36.66 11.78 18.00
CA ILE A 28 -35.43 11.62 17.24
C ILE A 28 -35.02 10.16 17.10
N PHE A 29 -35.84 9.22 17.58
CA PHE A 29 -35.44 7.82 17.63
C PHE A 29 -35.16 7.27 16.24
N SER A 30 -35.96 7.65 15.25
CA SER A 30 -35.79 7.16 13.89
C SER A 30 -34.64 7.81 13.15
N ILE A 31 -34.06 8.87 13.68
CA ILE A 31 -32.93 9.54 13.05
C ILE A 31 -31.67 8.72 13.34
N ASN A 32 -30.97 8.31 12.29
CA ASN A 32 -29.90 7.32 12.40
C ASN A 32 -28.55 7.93 12.74
N THR A 33 -28.27 9.17 12.33
CA THR A 33 -26.99 9.78 12.62
C THR A 33 -27.17 11.23 13.04
N MET A 34 -26.28 11.69 13.91
CA MET A 34 -26.27 13.07 14.40
C MET A 34 -24.85 13.60 14.33
N GLY A 35 -24.72 14.90 14.10
CA GLY A 35 -23.41 15.51 14.02
C GLY A 35 -23.42 16.90 14.64
N TRP A 36 -22.22 17.33 15.04
CA TRP A 36 -21.98 18.70 15.47
C TRP A 36 -20.98 19.32 14.51
N TYR A 37 -21.28 20.54 14.07
CA TYR A 37 -20.41 21.31 13.18
C TYR A 37 -20.00 22.61 13.87
N ARG A 38 -18.95 23.24 13.34
CA ARG A 38 -18.58 24.56 13.80
C ARG A 38 -17.93 25.33 12.67
N GLN A 39 -18.04 26.65 12.74
CA GLN A 39 -17.30 27.55 11.87
C GLN A 39 -16.57 28.55 12.75
N ALA A 40 -15.25 28.48 12.74
CA ALA A 40 -14.39 29.42 13.43
C ALA A 40 -14.14 30.63 12.54
N PRO A 41 -13.82 31.77 13.14
CA PRO A 41 -13.49 32.95 12.33
C PRO A 41 -12.40 32.66 11.30
N GLY A 42 -12.69 33.03 10.05
CA GLY A 42 -11.72 32.90 8.97
C GLY A 42 -11.55 31.50 8.40
N LYS A 43 -12.36 30.54 8.83
CA LYS A 43 -12.24 29.15 8.41
C LYS A 43 -13.60 28.66 7.91
N PRO A 44 -13.61 27.65 7.06
CA PRO A 44 -14.88 27.07 6.63
C PRO A 44 -15.48 26.17 7.70
N ARG A 45 -16.78 25.92 7.55
CA ARG A 45 -17.48 25.01 8.45
C ARG A 45 -16.85 23.61 8.38
N GLU A 46 -16.73 22.97 9.54
CA GLU A 46 -16.14 21.64 9.63
C GLU A 46 -17.02 20.74 10.49
N LEU A 47 -16.96 19.45 10.20
CA LEU A 47 -17.61 18.44 11.03
C LEU A 47 -16.74 18.16 12.24
N VAL A 48 -17.27 18.42 13.43
CA VAL A 48 -16.52 18.23 14.67
C VAL A 48 -16.68 16.82 15.22
N ALA A 49 -17.90 16.29 15.20
CA ALA A 49 -18.19 14.99 15.79
C ALA A 49 -19.43 14.42 15.13
N ARG A 50 -19.47 13.09 15.05
CA ARG A 50 -20.63 12.41 14.51
C ARG A 50 -20.81 11.08 15.23
N ILE A 51 -22.06 10.72 15.48
CA ILE A 51 -22.40 9.43 16.06
C ILE A 51 -23.20 8.65 15.02
N PHE A 52 -22.90 7.36 14.90
CA PHE A 52 -23.48 6.50 13.89
C PHE A 52 -24.33 5.41 14.54
N THR A 53 -25.15 4.76 13.71
N THR A 53 -25.14 4.75 13.71
CA THR A 53 -25.87 3.58 14.16
CA THR A 53 -25.88 3.59 14.16
C THR A 53 -24.88 2.56 14.71
C THR A 53 -24.92 2.53 14.67
N GLY A 54 -25.29 1.90 15.79
CA GLY A 54 -24.39 1.00 16.48
C GLY A 54 -23.58 1.66 17.57
N GLY A 55 -23.55 2.99 17.62
CA GLY A 55 -23.00 3.72 18.74
C GLY A 55 -21.60 4.27 18.57
N SER A 56 -20.92 3.98 17.46
CA SER A 56 -19.57 4.47 17.30
C SER A 56 -19.56 5.98 17.01
N THR A 57 -18.45 6.62 17.33
CA THR A 57 -18.34 8.07 17.26
C THR A 57 -17.08 8.47 16.52
N TYR A 58 -17.18 9.55 15.76
CA TYR A 58 -16.03 10.15 15.08
C TYR A 58 -15.77 11.53 15.67
N TYR A 59 -14.50 11.89 15.79
CA TYR A 59 -14.10 13.22 16.24
C TYR A 59 -12.99 13.72 15.32
N VAL A 60 -13.11 14.98 14.88
CA VAL A 60 -12.04 15.57 14.10
C VAL A 60 -10.78 15.62 14.96
N ASP A 61 -9.62 15.52 14.30
CA ASP A 61 -8.37 15.32 15.02
C ASP A 61 -8.10 16.40 16.06
N SER A 62 -8.62 17.62 15.83
CA SER A 62 -8.31 18.73 16.72
C SER A 62 -9.05 18.63 18.06
N VAL A 63 -10.13 17.87 18.14
CA VAL A 63 -10.90 17.76 19.37
C VAL A 63 -10.90 16.36 19.97
N LYS A 64 -10.28 15.39 19.31
CA LYS A 64 -10.30 14.01 19.78
C LYS A 64 -9.65 13.91 21.16
N GLY A 65 -10.38 13.31 22.11
CA GLY A 65 -9.94 13.19 23.48
C GLY A 65 -10.52 14.23 24.42
N ARG A 66 -11.05 15.33 23.87
CA ARG A 66 -11.65 16.39 24.67
C ARG A 66 -13.16 16.50 24.51
N PHE A 67 -13.70 16.05 23.38
CA PHE A 67 -15.11 16.20 23.07
C PHE A 67 -15.83 14.86 23.11
N THR A 68 -17.10 14.89 23.50
CA THR A 68 -17.94 13.70 23.51
C THR A 68 -19.31 14.04 22.96
N ILE A 69 -19.71 13.36 21.89
CA ILE A 69 -21.04 13.52 21.33
C ILE A 69 -21.92 12.38 21.85
N SER A 70 -23.15 12.72 22.23
CA SER A 70 -24.10 11.73 22.72
C SER A 70 -25.50 12.10 22.29
N ARG A 71 -26.39 11.12 22.35
CA ARG A 71 -27.80 11.33 22.04
C ARG A 71 -28.65 10.72 23.16
N ASP A 72 -29.72 11.43 23.54
CA ASP A 72 -30.65 11.01 24.58
C ASP A 72 -32.02 10.91 23.93
N ASN A 73 -32.35 9.71 23.42
CA ASN A 73 -33.55 9.55 22.62
C ASN A 73 -34.81 9.88 23.40
N ALA A 74 -34.92 9.38 24.64
CA ALA A 74 -36.11 9.66 25.43
C ALA A 74 -36.30 11.14 25.71
N LYS A 75 -35.23 11.94 25.64
CA LYS A 75 -35.33 13.39 25.81
C LYS A 75 -35.29 14.14 24.49
N ASN A 76 -35.15 13.44 23.36
CA ASN A 76 -35.07 14.05 22.04
C ASN A 76 -33.99 15.13 22.01
N THR A 77 -32.84 14.83 22.62
CA THR A 77 -31.78 15.79 22.80
C THR A 77 -30.44 15.19 22.40
N VAL A 78 -29.62 15.99 21.72
CA VAL A 78 -28.26 15.61 21.33
C VAL A 78 -27.29 16.55 22.02
N TYR A 79 -26.18 16.01 22.51
CA TYR A 79 -25.24 16.75 23.32
C TYR A 79 -23.85 16.76 22.70
N LEU A 80 -23.07 17.79 23.04
CA LEU A 80 -21.64 17.83 22.77
C LEU A 80 -20.95 18.32 24.03
N GLN A 81 -20.29 17.40 24.74
CA GLN A 81 -19.49 17.73 25.90
C GLN A 81 -18.12 18.17 25.43
N MET A 82 -17.70 19.37 25.81
CA MET A 82 -16.43 19.95 25.36
C MET A 82 -15.58 20.24 26.59
N ASN A 83 -14.52 19.45 26.78
CA ASN A 83 -13.60 19.61 27.88
C ASN A 83 -12.30 20.23 27.40
N GLN A 84 -11.54 20.79 28.34
CA GLN A 84 -10.21 21.33 28.08
C GLN A 84 -10.24 22.33 26.91
N LEU A 85 -11.19 23.25 26.97
CA LEU A 85 -11.43 24.15 25.85
C LEU A 85 -10.21 25.01 25.58
N LYS A 86 -9.92 25.23 24.30
CA LYS A 86 -8.80 26.02 23.83
C LYS A 86 -9.30 27.20 23.02
N PRO A 87 -8.50 28.27 22.88
CA PRO A 87 -8.92 29.41 22.07
C PRO A 87 -9.36 29.05 20.66
N GLU A 88 -8.71 28.09 20.06
CA GLU A 88 -9.04 27.66 18.73
C GLU A 88 -10.40 26.98 18.64
N ASP A 89 -10.99 26.64 19.76
CA ASP A 89 -12.34 26.09 19.78
C ASP A 89 -13.40 27.16 19.62
N THR A 90 -13.02 28.43 19.59
CA THR A 90 -13.97 29.52 19.42
C THR A 90 -14.66 29.41 18.06
N GLY A 91 -15.97 29.58 18.05
CA GLY A 91 -16.74 29.52 16.83
C GLY A 91 -18.21 29.36 17.12
N VAL A 92 -18.99 29.37 16.04
CA VAL A 92 -20.42 29.09 16.12
C VAL A 92 -20.63 27.61 15.85
N TYR A 93 -21.33 26.94 16.76
CA TYR A 93 -21.54 25.50 16.69
C TYR A 93 -22.96 25.20 16.26
N TYR A 94 -23.12 24.19 15.39
CA TYR A 94 -24.41 23.80 14.87
C TYR A 94 -24.60 22.29 15.04
N CYS A 95 -25.74 21.91 15.61
CA CYS A 95 -26.15 20.51 15.61
C CYS A 95 -26.86 20.20 14.30
N ARG A 96 -26.68 18.96 13.84
CA ARG A 96 -27.34 18.48 12.62
C ARG A 96 -27.92 17.10 12.92
N LEU A 97 -29.25 16.99 12.93
CA LEU A 97 -29.93 15.74 13.18
C LEU A 97 -30.31 15.14 11.83
N GLY A 98 -29.66 14.04 11.47
CA GLY A 98 -29.91 13.45 10.17
C GLY A 98 -29.41 14.36 9.06
N ALA A 99 -30.18 14.43 7.98
CA ALA A 99 -29.71 15.13 6.79
C ALA A 99 -29.98 16.63 6.83
N ASP A 100 -31.17 17.04 7.30
CA ASP A 100 -31.61 18.42 7.06
C ASP A 100 -32.21 19.12 8.29
N TYR A 101 -32.05 18.58 9.49
CA TYR A 101 -32.47 19.29 10.70
C TYR A 101 -31.24 19.96 11.29
N TRP A 102 -31.11 21.27 11.06
CA TRP A 102 -29.97 22.05 11.51
C TRP A 102 -30.39 22.98 12.64
N GLY A 103 -29.61 23.01 13.70
CA GLY A 103 -29.74 24.09 14.66
C GLY A 103 -29.24 25.40 14.08
N GLN A 104 -29.79 26.50 14.58
CA GLN A 104 -29.42 27.82 14.06
C GLN A 104 -28.16 28.38 14.70
N GLY A 105 -27.54 27.65 15.62
CA GLY A 105 -26.21 28.02 16.09
C GLY A 105 -26.11 28.43 17.54
N THR A 106 -24.93 28.22 18.14
CA THR A 106 -24.63 28.70 19.48
C THR A 106 -23.18 29.14 19.54
N GLN A 107 -22.94 30.32 20.10
CA GLN A 107 -21.61 30.90 20.12
C GLN A 107 -20.78 30.31 21.26
N VAL A 108 -19.57 29.84 20.92
CA VAL A 108 -18.60 29.40 21.91
C VAL A 108 -17.37 30.30 21.76
N THR A 109 -17.00 30.99 22.84
CA THR A 109 -15.85 31.87 22.86
C THR A 109 -14.95 31.49 24.02
N VAL A 110 -13.71 31.15 23.73
CA VAL A 110 -12.74 30.68 24.71
C VAL A 110 -11.60 31.68 24.77
N SER A 111 -11.44 32.34 25.91
CA SER A 111 -10.39 33.33 26.11
C SER A 111 -9.22 32.72 26.88
N SER A 112 -8.06 33.35 26.74
CA SER A 112 -6.89 32.98 27.52
C SER A 112 -6.90 33.68 28.87
N MET B 22 3.89 16.10 9.51
CA MET B 22 2.96 15.07 9.04
C MET B 22 2.23 15.54 7.78
N THR B 23 2.38 14.77 6.71
CA THR B 23 1.76 15.12 5.44
C THR B 23 0.26 14.83 5.45
N GLU B 24 -0.52 15.78 4.94
CA GLU B 24 -1.96 15.64 4.82
C GLU B 24 -2.32 15.36 3.36
N TYR B 25 -3.19 14.39 3.16
CA TYR B 25 -3.64 14.00 1.82
C TYR B 25 -5.13 14.29 1.68
N LYS B 26 -5.48 15.17 0.74
CA LYS B 26 -6.86 15.53 0.49
C LYS B 26 -7.45 14.54 -0.52
N LEU B 27 -8.32 13.65 -0.05
CA LEU B 27 -8.92 12.62 -0.87
C LEU B 27 -10.40 12.93 -1.09
N VAL B 28 -10.90 12.60 -2.28
CA VAL B 28 -12.30 12.82 -2.63
C VAL B 28 -12.88 11.52 -3.18
N VAL B 29 -13.99 11.08 -2.62
CA VAL B 29 -14.67 9.87 -3.06
C VAL B 29 -15.83 10.28 -3.96
N VAL B 30 -15.77 9.85 -5.23
CA VAL B 30 -16.78 10.21 -6.22
C VAL B 30 -17.38 8.93 -6.79
N GLY B 31 -18.56 9.07 -7.35
CA GLY B 31 -19.29 7.95 -7.92
C GLY B 31 -20.77 8.17 -7.82
N ALA B 32 -21.52 7.41 -8.63
CA ALA B 32 -22.97 7.54 -8.65
C ALA B 32 -23.56 7.28 -7.27
N VAL B 33 -24.75 7.83 -7.04
CA VAL B 33 -25.42 7.63 -5.76
C VAL B 33 -25.68 6.14 -5.56
N GLY B 34 -25.43 5.68 -4.33
CA GLY B 34 -25.71 4.31 -3.97
C GLY B 34 -24.60 3.31 -4.21
N VAL B 35 -23.46 3.73 -4.75
CA VAL B 35 -22.39 2.77 -5.01
C VAL B 35 -21.66 2.35 -3.75
N GLY B 36 -21.77 3.12 -2.67
CA GLY B 36 -21.13 2.76 -1.42
C GLY B 36 -20.04 3.72 -0.97
N LYS B 37 -20.13 4.98 -1.43
CA LYS B 37 -19.13 5.96 -1.08
C LYS B 37 -19.11 6.22 0.43
N SER B 38 -20.29 6.41 1.02
CA SER B 38 -20.36 6.63 2.45
C SER B 38 -19.96 5.37 3.21
N ALA B 39 -20.43 4.21 2.76
CA ALA B 39 -20.09 2.96 3.45
C ALA B 39 -18.59 2.72 3.45
N LEU B 40 -17.92 3.05 2.34
CA LEU B 40 -16.47 2.89 2.26
C LEU B 40 -15.77 3.87 3.20
N THR B 41 -16.14 5.15 3.12
CA THR B 41 -15.51 6.17 3.94
C THR B 41 -15.68 5.86 5.42
N ILE B 42 -16.89 5.48 5.83
CA ILE B 42 -17.13 5.20 7.24
C ILE B 42 -16.41 3.94 7.69
N GLN B 43 -16.29 2.94 6.80
CA GLN B 43 -15.52 1.76 7.17
C GLN B 43 -14.06 2.11 7.42
N LEU B 44 -13.50 3.02 6.62
CA LEU B 44 -12.12 3.42 6.85
C LEU B 44 -12.00 4.23 8.14
N ILE B 45 -12.92 5.16 8.38
CA ILE B 45 -12.82 6.05 9.53
C ILE B 45 -13.19 5.31 10.81
N GLN B 46 -14.30 4.56 10.79
CA GLN B 46 -14.88 3.98 12.00
C GLN B 46 -14.65 2.50 12.16
N ASN B 47 -14.22 1.80 11.11
CA ASN B 47 -14.07 0.34 11.12
C ASN B 47 -15.41 -0.34 11.47
N HIS B 48 -16.49 0.22 10.96
CA HIS B 48 -17.82 -0.34 11.09
C HIS B 48 -18.57 -0.16 9.79
N PHE B 49 -19.32 -1.19 9.39
CA PHE B 49 -20.22 -1.09 8.25
C PHE B 49 -21.51 -0.41 8.71
N VAL B 50 -21.82 0.73 8.11
CA VAL B 50 -23.02 1.49 8.46
C VAL B 50 -24.01 1.33 7.31
N ASP B 51 -25.10 0.61 7.58
CA ASP B 51 -26.07 0.24 6.55
C ASP B 51 -26.97 1.42 6.21
N GLU B 52 -27.18 1.62 4.91
CA GLU B 52 -28.13 2.62 4.40
C GLU B 52 -27.90 3.99 5.03
N TYR B 53 -26.67 4.47 4.90
CA TYR B 53 -26.36 5.83 5.36
C TYR B 53 -27.11 6.84 4.51
N ASP B 54 -27.56 7.93 5.14
CA ASP B 54 -28.37 8.93 4.48
C ASP B 54 -27.71 9.37 3.18
N PRO B 55 -28.40 9.26 2.03
CA PRO B 55 -27.74 9.45 0.74
C PRO B 55 -27.37 10.90 0.43
N THR B 56 -27.89 11.89 1.15
CA THR B 56 -27.64 13.28 0.82
C THR B 56 -26.56 13.92 1.69
N ILE B 57 -26.08 13.24 2.73
CA ILE B 57 -25.14 13.83 3.68
C ILE B 57 -23.74 13.80 3.07
N GLU B 58 -23.11 14.96 2.96
CA GLU B 58 -21.75 15.10 2.45
C GLU B 58 -20.87 15.69 3.55
N ASP B 59 -19.89 14.92 3.99
CA ASP B 59 -18.99 15.35 5.05
C ASP B 59 -17.55 15.04 4.67
N SER B 60 -16.64 15.81 5.27
CA SER B 60 -15.21 15.54 5.21
C SER B 60 -14.76 14.99 6.55
N TYR B 61 -13.98 13.92 6.52
CA TYR B 61 -13.44 13.28 7.71
C TYR B 61 -11.91 13.35 7.69
N ARG B 62 -11.32 13.52 8.86
CA ARG B 62 -9.87 13.52 9.02
C ARG B 62 -9.46 12.36 9.91
N LYS B 63 -8.43 11.64 9.50
CA LYS B 63 -7.99 10.47 10.25
C LYS B 63 -6.49 10.28 10.08
N GLN B 64 -5.78 10.17 11.21
CA GLN B 64 -4.35 9.88 11.18
C GLN B 64 -4.14 8.39 10.96
N VAL B 65 -3.31 8.04 9.97
CA VAL B 65 -3.05 6.66 9.58
C VAL B 65 -1.56 6.47 9.36
N VAL B 66 -1.16 5.21 9.27
CA VAL B 66 0.21 4.83 8.93
C VAL B 66 0.15 4.04 7.63
N ILE B 67 0.73 4.60 6.58
CA ILE B 67 0.75 3.98 5.26
C ILE B 67 2.20 3.79 4.85
N ASP B 68 2.59 2.53 4.65
CA ASP B 68 3.95 2.18 4.23
C ASP B 68 5.00 2.74 5.18
N GLY B 69 4.71 2.66 6.49
CA GLY B 69 5.61 3.14 7.51
C GLY B 69 5.59 4.63 7.76
N GLU B 70 4.89 5.40 6.93
CA GLU B 70 4.86 6.86 7.06
C GLU B 70 3.53 7.29 7.67
N THR B 71 3.60 7.87 8.87
CA THR B 71 2.41 8.41 9.50
C THR B 71 1.94 9.64 8.74
N CYS B 72 0.64 9.69 8.44
CA CYS B 72 0.07 10.78 7.68
C CYS B 72 -1.39 10.96 8.07
N LEU B 73 -1.98 12.06 7.61
CA LEU B 73 -3.38 12.37 7.91
C LEU B 73 -4.17 12.38 6.62
N LEU B 74 -5.26 11.61 6.59
CA LEU B 74 -6.16 11.58 5.44
C LEU B 74 -7.32 12.53 5.68
N ASP B 75 -7.55 13.42 4.73
CA ASP B 75 -8.65 14.38 4.75
C ASP B 75 -9.58 13.96 3.61
N ILE B 76 -10.67 13.27 3.94
CA ILE B 76 -11.47 12.54 2.97
C ILE B 76 -12.84 13.18 2.85
N LEU B 77 -13.19 13.58 1.63
CA LEU B 77 -14.51 14.14 1.33
C LEU B 77 -15.37 13.05 0.71
N ASP B 78 -16.44 12.69 1.41
CA ASP B 78 -17.42 11.72 0.92
C ASP B 78 -18.53 12.52 0.23
N THR B 79 -18.49 12.57 -1.09
CA THR B 79 -19.42 13.41 -1.83
C THR B 79 -20.81 12.77 -1.86
N ALA B 80 -21.82 13.62 -2.03
CA ALA B 80 -23.20 13.17 -2.10
C ALA B 80 -23.94 13.65 -3.35
N GLY B 81 -23.26 14.33 -4.26
CA GLY B 81 -23.87 14.79 -5.49
C GLY B 81 -25.07 15.71 -5.29
N ARG B 89 -18.15 22.54 -5.36
CA ARG B 89 -18.09 21.33 -6.18
C ARG B 89 -16.87 21.38 -7.05
N ASP B 90 -16.87 22.26 -8.01
CA ASP B 90 -15.63 22.51 -8.73
C ASP B 90 -14.54 22.95 -7.77
N GLN B 91 -14.94 23.59 -6.66
CA GLN B 91 -14.01 23.95 -5.60
C GLN B 91 -13.36 22.71 -4.99
N TYR B 92 -14.17 21.79 -4.48
CA TYR B 92 -13.61 20.64 -3.77
C TYR B 92 -12.88 19.69 -4.72
N MET B 93 -13.13 19.78 -6.02
CA MET B 93 -12.32 19.05 -6.99
C MET B 93 -10.95 19.70 -7.18
N ARG B 94 -10.91 21.04 -7.14
CA ARG B 94 -9.63 21.73 -7.21
C ARG B 94 -8.79 21.48 -5.95
N THR B 95 -9.44 21.46 -4.79
CA THR B 95 -8.72 21.22 -3.54
C THR B 95 -8.24 19.78 -3.44
N GLY B 96 -9.02 18.82 -3.97
CA GLY B 96 -8.65 17.43 -3.85
C GLY B 96 -7.35 17.10 -4.57
N GLU B 97 -6.52 16.27 -3.93
CA GLU B 97 -5.28 15.79 -4.52
C GLU B 97 -5.41 14.41 -5.12
N GLY B 98 -6.34 13.60 -4.64
CA GLY B 98 -6.56 12.27 -5.18
C GLY B 98 -8.03 11.95 -5.12
N PHE B 99 -8.48 11.11 -6.05
CA PHE B 99 -9.89 10.83 -6.22
C PHE B 99 -10.14 9.34 -6.30
N LEU B 100 -11.08 8.86 -5.49
CA LEU B 100 -11.58 7.49 -5.57
C LEU B 100 -12.83 7.47 -6.45
N CYS B 101 -12.74 6.80 -7.60
CA CYS B 101 -13.87 6.69 -8.52
C CYS B 101 -14.55 5.35 -8.30
N VAL B 102 -15.71 5.37 -7.65
CA VAL B 102 -16.38 4.18 -7.15
C VAL B 102 -17.56 3.85 -8.05
N PHE B 103 -17.68 2.56 -8.39
CA PHE B 103 -18.90 1.99 -8.94
C PHE B 103 -19.21 0.72 -8.16
N ALA B 104 -20.44 0.25 -8.29
CA ALA B 104 -20.85 -1.02 -7.71
C ALA B 104 -20.81 -2.10 -8.78
N ILE B 105 -20.30 -3.28 -8.41
CA ILE B 105 -20.13 -4.36 -9.39
C ILE B 105 -21.44 -4.98 -9.84
N ASN B 106 -22.56 -4.60 -9.22
CA ASN B 106 -23.88 -5.07 -9.63
C ASN B 106 -24.71 -3.96 -10.25
N ASN B 107 -24.07 -2.86 -10.64
CA ASN B 107 -24.74 -1.68 -11.21
C ASN B 107 -23.93 -1.26 -12.43
N THR B 108 -24.32 -1.74 -13.61
CA THR B 108 -23.62 -1.38 -14.83
C THR B 108 -23.70 0.11 -15.10
N LYS B 109 -24.82 0.75 -14.73
CA LYS B 109 -24.97 2.18 -14.95
C LYS B 109 -23.92 2.97 -14.18
N SER B 110 -23.63 2.57 -12.94
CA SER B 110 -22.61 3.25 -12.16
C SER B 110 -21.22 3.05 -12.77
N PHE B 111 -20.99 1.91 -13.41
CA PHE B 111 -19.71 1.68 -14.08
C PHE B 111 -19.58 2.56 -15.33
N GLU B 112 -20.68 2.75 -16.06
CA GLU B 112 -20.65 3.58 -17.25
C GLU B 112 -20.49 5.05 -16.92
N ASP B 113 -20.87 5.48 -15.72
CA ASP B 113 -20.68 6.86 -15.29
C ASP B 113 -19.23 7.18 -14.95
N ILE B 114 -18.37 6.17 -14.82
CA ILE B 114 -17.02 6.38 -14.31
C ILE B 114 -16.26 7.37 -15.18
N HIS B 115 -16.32 7.19 -16.51
CA HIS B 115 -15.60 8.09 -17.40
C HIS B 115 -16.11 9.52 -17.32
N HIS B 116 -17.37 9.71 -16.90
CA HIS B 116 -17.88 11.07 -16.71
C HIS B 116 -17.20 11.75 -15.52
N TYR B 117 -16.95 11.00 -14.44
CA TYR B 117 -16.30 11.58 -13.28
C TYR B 117 -14.84 11.90 -13.56
N ARG B 118 -14.14 11.00 -14.25
CA ARG B 118 -12.74 11.25 -14.58
C ARG B 118 -12.60 12.47 -15.49
N GLU B 119 -13.44 12.56 -16.53
CA GLU B 119 -13.37 13.69 -17.45
C GLU B 119 -13.68 14.99 -16.73
N GLN B 120 -14.66 14.99 -15.83
CA GLN B 120 -15.02 16.21 -15.13
C GLN B 120 -13.96 16.62 -14.13
N ILE B 121 -13.23 15.66 -13.55
CA ILE B 121 -12.13 16.00 -12.66
C ILE B 121 -10.92 16.51 -13.44
N LYS B 122 -10.60 15.85 -14.55
CA LYS B 122 -9.51 16.33 -15.40
C LYS B 122 -9.77 17.71 -15.96
N ARG B 123 -11.04 18.13 -16.03
CA ARG B 123 -11.36 19.44 -16.59
C ARG B 123 -11.11 20.57 -15.60
N VAL B 124 -11.42 20.35 -14.31
CA VAL B 124 -11.33 21.43 -13.34
C VAL B 124 -9.89 21.64 -12.87
N LYS B 125 -9.16 20.57 -12.74
CA LYS B 125 -7.83 20.60 -12.29
C LYS B 125 -6.81 20.81 -13.35
N ASP B 126 -7.23 20.83 -14.60
CA ASP B 126 -6.37 21.10 -15.71
C ASP B 126 -5.12 20.24 -15.77
N SER B 127 -5.23 18.96 -15.50
CA SER B 127 -4.05 18.15 -15.59
C SER B 127 -4.26 16.82 -16.19
N GLU B 128 -3.21 16.33 -16.85
CA GLU B 128 -3.29 14.98 -17.40
C GLU B 128 -2.87 13.91 -16.39
N ASP B 129 -2.40 14.32 -15.22
CA ASP B 129 -1.95 13.40 -14.16
C ASP B 129 -2.63 13.81 -12.86
N VAL B 130 -3.87 13.38 -12.70
CA VAL B 130 -4.60 13.52 -11.43
C VAL B 130 -4.59 12.16 -10.75
N PRO B 131 -4.03 12.04 -9.55
CA PRO B 131 -4.03 10.75 -8.85
C PRO B 131 -5.46 10.21 -8.71
N MET B 132 -5.64 8.96 -9.11
CA MET B 132 -6.97 8.39 -9.23
C MET B 132 -6.89 6.88 -9.08
N VAL B 133 -7.95 6.30 -8.50
CA VAL B 133 -8.05 4.86 -8.32
C VAL B 133 -9.47 4.44 -8.68
N LEU B 134 -9.59 3.43 -9.54
CA LEU B 134 -10.88 2.84 -9.84
C LEU B 134 -11.23 1.83 -8.75
N VAL B 135 -12.43 1.97 -8.17
CA VAL B 135 -12.88 1.12 -7.07
C VAL B 135 -14.17 0.42 -7.49
N GLY B 136 -14.15 -0.91 -7.46
CA GLY B 136 -15.35 -1.69 -7.68
C GLY B 136 -15.89 -2.27 -6.39
N ASN B 137 -16.95 -1.68 -5.86
CA ASN B 137 -17.45 -1.99 -4.53
C ASN B 137 -18.59 -3.02 -4.60
N LYS B 138 -18.94 -3.54 -3.41
CA LYS B 138 -20.01 -4.52 -3.21
C LYS B 138 -19.63 -5.90 -3.72
N CYS B 139 -18.35 -6.25 -3.66
CA CYS B 139 -17.89 -7.53 -4.18
C CYS B 139 -18.35 -8.72 -3.34
N ASP B 140 -18.93 -8.47 -2.16
CA ASP B 140 -19.52 -9.53 -1.37
C ASP B 140 -20.79 -10.10 -1.99
N LEU B 141 -21.38 -9.40 -2.96
CA LEU B 141 -22.63 -9.74 -3.60
C LEU B 141 -22.39 -10.71 -4.76
N PRO B 142 -23.21 -11.77 -4.88
CA PRO B 142 -22.98 -12.73 -5.96
C PRO B 142 -23.41 -12.23 -7.32
N SER B 143 -24.53 -11.52 -7.41
CA SER B 143 -25.11 -11.11 -8.69
C SER B 143 -24.30 -9.96 -9.28
N ARG B 144 -23.23 -10.33 -9.98
CA ARG B 144 -22.24 -9.37 -10.49
C ARG B 144 -22.52 -9.10 -11.96
N THR B 145 -22.79 -7.83 -12.30
CA THR B 145 -23.05 -7.43 -13.66
C THR B 145 -21.86 -6.75 -14.35
N VAL B 146 -20.83 -6.41 -13.59
CA VAL B 146 -19.60 -5.84 -14.14
C VAL B 146 -18.45 -6.76 -13.73
N ASP B 147 -17.78 -7.35 -14.72
CA ASP B 147 -16.74 -8.32 -14.43
C ASP B 147 -15.36 -7.67 -14.35
N THR B 148 -14.40 -8.45 -13.87
CA THR B 148 -13.11 -7.89 -13.47
C THR B 148 -12.31 -7.42 -14.69
N LYS B 149 -12.39 -8.14 -15.81
CA LYS B 149 -11.63 -7.73 -16.98
C LYS B 149 -12.10 -6.38 -17.51
N GLN B 150 -13.43 -6.18 -17.56
CA GLN B 150 -13.99 -4.87 -17.91
C GLN B 150 -13.35 -3.75 -17.09
N ALA B 151 -13.37 -3.91 -15.77
CA ALA B 151 -12.87 -2.86 -14.88
C ALA B 151 -11.37 -2.69 -15.04
N GLN B 152 -10.62 -3.79 -15.11
N GLN B 152 -10.62 -3.79 -15.10
CA GLN B 152 -9.18 -3.70 -15.29
CA GLN B 152 -9.17 -3.71 -15.29
C GLN B 152 -8.82 -3.06 -16.62
C GLN B 152 -8.84 -3.05 -16.61
N ASP B 153 -9.60 -3.36 -17.67
CA ASP B 153 -9.34 -2.76 -18.97
C ASP B 153 -9.57 -1.25 -18.94
N LEU B 154 -10.64 -0.81 -18.27
CA LEU B 154 -10.89 0.63 -18.16
C LEU B 154 -9.82 1.31 -17.33
N ALA B 155 -9.41 0.68 -16.22
CA ALA B 155 -8.37 1.26 -15.38
C ALA B 155 -7.03 1.32 -16.10
N ARG B 156 -6.70 0.28 -16.87
CA ARG B 156 -5.44 0.28 -17.60
C ARG B 156 -5.44 1.33 -18.71
N SER B 157 -6.59 1.55 -19.34
CA SER B 157 -6.69 2.62 -20.34
C SER B 157 -6.49 3.98 -19.71
N TYR B 158 -6.75 4.13 -18.41
CA TYR B 158 -6.50 5.36 -17.69
C TYR B 158 -5.09 5.44 -17.11
N GLY B 159 -4.40 4.32 -16.97
CA GLY B 159 -3.14 4.31 -16.25
C GLY B 159 -3.31 4.46 -14.76
N ILE B 160 -4.40 3.90 -14.21
CA ILE B 160 -4.67 3.98 -12.78
C ILE B 160 -4.94 2.58 -12.26
N PRO B 161 -4.74 2.34 -10.97
CA PRO B 161 -5.00 1.01 -10.40
C PRO B 161 -6.49 0.72 -10.28
N PHE B 162 -6.80 -0.57 -10.16
CA PHE B 162 -8.15 -1.04 -9.91
C PHE B 162 -8.15 -1.89 -8.64
N ILE B 163 -9.01 -1.55 -7.69
CA ILE B 163 -9.09 -2.22 -6.40
C ILE B 163 -10.54 -2.66 -6.17
N GLU B 164 -10.71 -3.93 -5.83
CA GLU B 164 -12.02 -4.46 -5.48
C GLU B 164 -12.26 -4.32 -3.99
N THR B 165 -13.48 -3.92 -3.62
CA THR B 165 -13.81 -3.65 -2.23
C THR B 165 -15.17 -4.23 -1.86
N SER B 166 -15.35 -4.44 -0.57
CA SER B 166 -16.66 -4.65 0.04
C SER B 166 -16.68 -3.84 1.34
N ALA B 167 -17.43 -2.73 1.34
CA ALA B 167 -17.60 -1.98 2.59
C ALA B 167 -18.30 -2.83 3.64
N LYS B 168 -19.11 -3.80 3.21
CA LYS B 168 -19.86 -4.63 4.16
C LYS B 168 -18.93 -5.53 4.96
N THR B 169 -18.01 -6.22 4.28
CA THR B 169 -17.07 -7.11 4.95
C THR B 169 -15.73 -6.46 5.25
N ARG B 170 -15.52 -5.22 4.79
CA ARG B 170 -14.28 -4.45 4.89
C ARG B 170 -13.18 -4.98 3.98
N GLN B 171 -13.48 -5.93 3.10
CA GLN B 171 -12.48 -6.42 2.15
C GLN B 171 -12.04 -5.31 1.22
N GLY B 172 -10.73 -5.08 1.16
CA GLY B 172 -10.14 -4.13 0.24
C GLY B 172 -10.31 -2.67 0.58
N VAL B 173 -10.93 -2.35 1.71
CA VAL B 173 -11.22 -0.94 2.03
C VAL B 173 -9.92 -0.17 2.24
N ASP B 174 -9.10 -0.63 3.19
CA ASP B 174 -7.80 0.01 3.42
C ASP B 174 -6.97 0.03 2.14
N ASP B 175 -6.99 -1.07 1.39
CA ASP B 175 -6.25 -1.15 0.14
C ASP B 175 -6.64 -0.03 -0.81
N ALA B 176 -7.94 0.25 -0.94
CA ALA B 176 -8.39 1.25 -1.90
C ALA B 176 -7.88 2.64 -1.54
N PHE B 177 -7.99 3.03 -0.27
CA PHE B 177 -7.53 4.35 0.13
C PHE B 177 -6.00 4.41 0.16
N TYR B 178 -5.35 3.34 0.62
CA TYR B 178 -3.88 3.35 0.70
C TYR B 178 -3.27 3.37 -0.70
N THR B 179 -3.89 2.67 -1.66
CA THR B 179 -3.39 2.71 -3.03
C THR B 179 -3.49 4.11 -3.61
N LEU B 180 -4.54 4.85 -3.25
CA LEU B 180 -4.67 6.21 -3.75
C LEU B 180 -3.60 7.13 -3.17
N VAL B 181 -3.29 6.95 -1.88
CA VAL B 181 -2.22 7.73 -1.26
C VAL B 181 -0.89 7.44 -1.96
N ARG B 182 -0.65 6.18 -2.30
CA ARG B 182 0.56 5.83 -3.04
C ARG B 182 0.57 6.50 -4.41
N GLU B 183 -0.60 6.64 -5.03
CA GLU B 183 -0.66 7.35 -6.31
C GLU B 183 -0.35 8.84 -6.14
N ILE B 184 -0.74 9.43 -5.01
CA ILE B 184 -0.39 10.83 -4.76
C ILE B 184 1.11 10.97 -4.54
N ARG B 185 1.74 9.96 -3.94
CA ARG B 185 3.17 10.04 -3.66
C ARG B 185 4.00 9.98 -4.93
N LYS B 186 3.53 9.26 -5.94
CA LYS B 186 4.22 9.25 -7.22
C LYS B 186 4.12 10.60 -7.92
N HIS B 187 3.01 11.30 -7.74
CA HIS B 187 2.73 12.54 -8.45
C HIS B 187 3.55 13.71 -7.91
N MET C 22 -2.06 -6.87 4.38
CA MET C 22 -1.78 -7.15 2.98
C MET C 22 -1.21 -8.56 2.81
N THR C 23 -1.78 -9.32 1.89
CA THR C 23 -1.32 -10.68 1.65
C THR C 23 0.07 -10.67 1.05
N GLU C 24 0.93 -11.55 1.58
CA GLU C 24 2.30 -11.71 1.09
C GLU C 24 2.43 -13.06 0.41
N TYR C 25 3.19 -13.07 -0.69
CA TYR C 25 3.43 -14.29 -1.46
C TYR C 25 4.93 -14.55 -1.52
N LYS C 26 5.35 -15.71 -1.01
CA LYS C 26 6.75 -16.11 -1.06
C LYS C 26 7.01 -16.85 -2.37
N LEU C 27 7.69 -16.20 -3.30
CA LEU C 27 8.01 -16.77 -4.60
C LEU C 27 9.48 -17.15 -4.62
N VAL C 28 9.80 -18.25 -5.31
CA VAL C 28 11.16 -18.74 -5.43
C VAL C 28 11.46 -18.98 -6.91
N VAL C 29 12.57 -18.44 -7.39
CA VAL C 29 13.00 -18.56 -8.78
C VAL C 29 14.14 -19.56 -8.80
N VAL C 30 13.93 -20.71 -9.44
CA VAL C 30 14.90 -21.78 -9.47
C VAL C 30 15.26 -22.10 -10.93
N GLY C 31 16.36 -22.82 -11.09
CA GLY C 31 16.83 -23.19 -12.41
C GLY C 31 18.35 -23.22 -12.49
N ALA C 32 18.88 -23.78 -13.57
CA ALA C 32 20.33 -23.89 -13.73
C ALA C 32 20.96 -22.51 -13.78
N VAL C 33 22.24 -22.45 -13.42
CA VAL C 33 22.97 -21.19 -13.48
C VAL C 33 23.04 -20.71 -14.92
N GLY C 34 22.86 -19.40 -15.11
CA GLY C 34 22.96 -18.80 -16.41
C GLY C 34 21.67 -18.74 -17.21
N VAL C 35 20.57 -19.28 -16.70
CA VAL C 35 19.32 -19.25 -17.45
C VAL C 35 18.65 -17.88 -17.39
N GLY C 36 18.95 -17.06 -16.39
CA GLY C 36 18.41 -15.71 -16.32
C GLY C 36 17.57 -15.44 -15.10
N LYS C 37 17.82 -16.18 -14.01
CA LYS C 37 17.01 -16.01 -12.81
C LYS C 37 17.18 -14.61 -12.22
N SER C 38 18.42 -14.16 -12.05
CA SER C 38 18.66 -12.82 -11.53
C SER C 38 18.17 -11.76 -12.51
N ALA C 39 18.45 -11.94 -13.80
CA ALA C 39 18.02 -10.96 -14.80
C ALA C 39 16.51 -10.81 -14.82
N LEU C 40 15.77 -11.92 -14.67
CA LEU C 40 14.32 -11.86 -14.62
C LEU C 40 13.85 -11.14 -13.35
N THR C 41 14.42 -11.51 -12.21
CA THR C 41 14.01 -10.91 -10.94
C THR C 41 14.31 -9.41 -10.92
N ILE C 42 15.50 -9.03 -11.37
CA ILE C 42 15.89 -7.63 -11.35
C ILE C 42 15.02 -6.81 -12.30
N GLN C 43 14.64 -7.41 -13.43
CA GLN C 43 13.77 -6.71 -14.36
C GLN C 43 12.41 -6.41 -13.75
N LEU C 44 11.90 -7.34 -12.94
CA LEU C 44 10.61 -7.11 -12.28
C LEU C 44 10.75 -6.07 -11.17
N ILE C 45 11.84 -6.13 -10.40
CA ILE C 45 12.00 -5.22 -9.27
C ILE C 45 12.45 -3.84 -9.74
N GLN C 46 13.43 -3.80 -10.65
CA GLN C 46 14.09 -2.55 -11.02
C GLN C 46 13.63 -1.99 -12.36
N ASN C 47 12.93 -2.78 -13.18
CA ASN C 47 12.56 -2.37 -14.54
C ASN C 47 13.80 -1.97 -15.34
N HIS C 48 14.88 -2.71 -15.14
CA HIS C 48 16.12 -2.53 -15.89
C HIS C 48 16.71 -3.90 -16.18
N PHE C 49 17.27 -4.06 -17.38
CA PHE C 49 18.05 -5.25 -17.69
C PHE C 49 19.46 -5.06 -17.15
N VAL C 50 19.87 -5.92 -16.23
CA VAL C 50 21.22 -5.88 -15.65
C VAL C 50 22.00 -7.03 -16.26
N ASP C 51 22.91 -6.72 -17.12
CA ASP C 51 23.69 -7.70 -17.79
C ASP C 51 24.75 -8.37 -16.93
N GLU C 52 24.82 -9.68 -17.01
CA GLU C 52 25.88 -10.45 -16.36
C GLU C 52 25.95 -10.18 -14.86
N TYR C 53 24.81 -10.29 -14.19
CA TYR C 53 24.78 -10.19 -12.74
C TYR C 53 25.59 -11.32 -12.13
N ASP C 54 26.25 -11.05 -11.00
CA ASP C 54 27.15 -12.03 -10.40
C ASP C 54 26.43 -13.36 -10.19
N PRO C 55 26.98 -14.46 -10.68
CA PRO C 55 26.22 -15.73 -10.68
C PRO C 55 26.01 -16.32 -9.30
N THR C 56 26.76 -15.91 -8.28
CA THR C 56 26.70 -16.56 -6.98
C THR C 56 25.90 -15.79 -5.93
N ILE C 57 25.39 -14.61 -6.25
CA ILE C 57 24.63 -13.82 -5.27
C ILE C 57 23.19 -14.31 -5.25
N GLU C 58 22.71 -14.65 -4.06
CA GLU C 58 21.32 -15.04 -3.82
C GLU C 58 20.69 -14.01 -2.90
N ASP C 59 19.53 -13.48 -3.30
CA ASP C 59 18.86 -12.44 -2.51
C ASP C 59 17.35 -12.61 -2.61
N SER C 60 16.66 -12.16 -1.57
CA SER C 60 15.21 -12.01 -1.58
C SER C 60 14.86 -10.54 -1.78
N TYR C 61 13.94 -10.27 -2.71
CA TYR C 61 13.47 -8.92 -2.99
C TYR C 61 11.98 -8.83 -2.70
N ARG C 62 11.55 -7.65 -2.26
CA ARG C 62 10.16 -7.41 -1.93
C ARG C 62 9.60 -6.30 -2.82
N LYS C 63 8.38 -6.50 -3.31
CA LYS C 63 7.75 -5.57 -4.23
C LYS C 63 6.25 -5.59 -4.06
N GLN C 64 5.65 -4.41 -3.91
CA GLN C 64 4.20 -4.27 -3.86
C GLN C 64 3.64 -4.19 -5.28
N VAL C 65 2.62 -5.00 -5.56
CA VAL C 65 1.98 -5.02 -6.87
C VAL C 65 0.49 -5.25 -6.71
N VAL C 66 -0.29 -4.62 -7.59
CA VAL C 66 -1.73 -4.82 -7.64
C VAL C 66 -2.01 -5.88 -8.69
N ILE C 67 -2.62 -6.99 -8.28
CA ILE C 67 -2.95 -8.08 -9.18
C ILE C 67 -4.42 -8.45 -8.98
N ASP C 68 -5.22 -8.27 -10.04
CA ASP C 68 -6.64 -8.65 -10.04
C ASP C 68 -7.40 -7.96 -8.90
N GLY C 69 -7.16 -6.67 -8.73
CA GLY C 69 -7.92 -5.87 -7.80
C GLY C 69 -7.49 -5.96 -6.35
N GLU C 70 -6.33 -6.55 -6.05
CA GLU C 70 -5.85 -6.65 -4.68
C GLU C 70 -4.35 -6.38 -4.67
N THR C 71 -3.93 -5.41 -3.88
CA THR C 71 -2.50 -5.18 -3.66
C THR C 71 -1.94 -6.30 -2.81
N CYS C 72 -0.78 -6.82 -3.22
CA CYS C 72 -0.11 -7.87 -2.47
C CYS C 72 1.39 -7.63 -2.45
N LEU C 73 2.05 -8.27 -1.49
CA LEU C 73 3.49 -8.17 -1.33
C LEU C 73 4.13 -9.42 -1.92
N LEU C 74 5.03 -9.24 -2.88
CA LEU C 74 5.79 -10.34 -3.45
C LEU C 74 7.15 -10.39 -2.79
N ASP C 75 7.47 -11.53 -2.17
CA ASP C 75 8.76 -11.80 -1.56
C ASP C 75 9.46 -12.84 -2.43
N ILE C 76 10.38 -12.38 -3.28
CA ILE C 76 10.93 -13.18 -4.36
C ILE C 76 12.36 -13.57 -4.03
N LEU C 77 12.61 -14.86 -3.91
CA LEU C 77 13.95 -15.39 -3.66
C LEU C 77 14.59 -15.76 -5.01
N ASP C 78 15.69 -15.08 -5.33
CA ASP C 78 16.45 -15.35 -6.54
C ASP C 78 17.59 -16.30 -6.18
N THR C 79 17.39 -17.59 -6.39
CA THR C 79 18.37 -18.58 -5.93
C THR C 79 19.62 -18.56 -6.79
N ALA C 80 20.72 -19.04 -6.21
CA ALA C 80 22.01 -19.07 -6.88
C ALA C 80 22.72 -20.42 -6.80
N GLY C 81 22.24 -21.36 -5.99
CA GLY C 81 22.82 -22.68 -5.95
C GLY C 81 24.20 -22.76 -5.35
N GLN C 82 24.50 -21.94 -4.34
CA GLN C 82 25.80 -21.94 -3.69
C GLN C 82 25.79 -22.71 -2.38
N GLU C 83 24.72 -23.44 -2.07
CA GLU C 83 24.68 -24.26 -0.87
C GLU C 83 25.58 -25.47 -1.05
N SER C 86 22.71 -28.78 1.30
CA SER C 86 21.32 -28.93 0.85
C SER C 86 20.20 -28.73 1.88
N ALA C 87 20.53 -28.69 3.15
CA ALA C 87 19.49 -28.44 4.12
C ALA C 87 18.95 -27.01 4.04
N MET C 88 19.78 -26.05 3.75
CA MET C 88 19.20 -24.72 3.64
C MET C 88 18.40 -24.57 2.35
N ARG C 89 18.75 -25.34 1.32
CA ARG C 89 17.93 -25.37 0.12
C ARG C 89 16.54 -25.90 0.43
N ASP C 90 16.46 -26.96 1.24
CA ASP C 90 15.16 -27.50 1.65
C ASP C 90 14.35 -26.47 2.41
N GLN C 91 15.02 -25.66 3.24
CA GLN C 91 14.31 -24.69 4.07
C GLN C 91 13.61 -23.64 3.21
N TYR C 92 14.31 -23.09 2.20
CA TYR C 92 13.66 -22.06 1.40
C TYR C 92 12.62 -22.63 0.46
N MET C 93 12.71 -23.93 0.12
CA MET C 93 11.64 -24.56 -0.64
C MET C 93 10.41 -24.80 0.22
N ARG C 94 10.62 -25.12 1.50
CA ARG C 94 9.51 -25.29 2.43
C ARG C 94 8.79 -23.97 2.66
N THR C 95 9.53 -22.87 2.80
CA THR C 95 8.92 -21.57 3.01
C THR C 95 8.25 -21.05 1.75
N GLY C 96 8.79 -21.38 0.57
CA GLY C 96 8.21 -20.88 -0.66
C GLY C 96 6.86 -21.52 -0.96
N GLU C 97 5.91 -20.69 -1.39
CA GLU C 97 4.58 -21.15 -1.77
C GLU C 97 4.38 -21.20 -3.28
N GLY C 98 5.28 -20.63 -4.07
CA GLY C 98 5.20 -20.68 -5.51
C GLY C 98 6.57 -20.63 -6.14
N PHE C 99 6.77 -21.36 -7.24
CA PHE C 99 8.10 -21.53 -7.79
C PHE C 99 8.11 -21.23 -9.29
N LEU C 100 9.06 -20.39 -9.70
CA LEU C 100 9.33 -20.15 -11.12
C LEU C 100 10.47 -21.08 -11.53
N CYS C 101 10.16 -22.06 -12.38
CA CYS C 101 11.15 -22.99 -12.90
C CYS C 101 11.61 -22.46 -14.26
N VAL C 102 12.83 -21.93 -14.29
CA VAL C 102 13.34 -21.20 -15.45
C VAL C 102 14.36 -22.06 -16.18
N PHE C 103 14.23 -22.12 -17.50
CA PHE C 103 15.26 -22.61 -18.39
C PHE C 103 15.48 -21.57 -19.48
N ALA C 104 16.61 -21.69 -20.17
CA ALA C 104 16.90 -20.83 -21.32
C ALA C 104 16.64 -21.59 -22.60
N ILE C 105 16.03 -20.92 -23.58
CA ILE C 105 15.63 -21.59 -24.82
C ILE C 105 16.80 -21.94 -25.71
N ASN C 106 18.01 -21.45 -25.40
CA ASN C 106 19.21 -21.77 -26.14
C ASN C 106 20.12 -22.74 -25.39
N ASN C 107 19.61 -23.38 -24.34
CA ASN C 107 20.41 -24.29 -23.51
C ASN C 107 19.55 -25.51 -23.21
N THR C 108 19.79 -26.60 -23.96
CA THR C 108 19.00 -27.81 -23.80
C THR C 108 19.21 -28.43 -22.43
N LYS C 109 20.46 -28.42 -21.94
CA LYS C 109 20.73 -29.00 -20.62
C LYS C 109 19.93 -28.31 -19.53
N SER C 110 19.76 -26.98 -19.63
CA SER C 110 18.98 -26.26 -18.64
C SER C 110 17.52 -26.69 -18.68
N PHE C 111 16.99 -26.99 -19.87
CA PHE C 111 15.63 -27.49 -19.98
C PHE C 111 15.52 -28.90 -19.41
N GLU C 112 16.51 -29.76 -19.70
CA GLU C 112 16.51 -31.11 -19.16
C GLU C 112 16.69 -31.13 -17.65
N ASP C 113 17.18 -30.02 -17.07
CA ASP C 113 17.28 -29.90 -15.62
C ASP C 113 15.94 -29.62 -14.96
N ILE C 114 14.94 -29.15 -15.71
CA ILE C 114 13.72 -28.60 -15.12
C ILE C 114 13.04 -29.65 -14.25
N HIS C 115 12.90 -30.87 -14.76
CA HIS C 115 12.19 -31.90 -13.99
C HIS C 115 12.90 -32.20 -12.68
N HIS C 116 14.21 -31.97 -12.60
CA HIS C 116 14.93 -32.19 -11.36
C HIS C 116 14.46 -31.22 -10.27
N TYR C 117 14.38 -29.92 -10.60
CA TYR C 117 13.99 -28.93 -9.61
C TYR C 117 12.57 -29.17 -9.12
N ARG C 118 11.65 -29.51 -10.02
CA ARG C 118 10.28 -29.82 -9.61
C ARG C 118 10.24 -31.00 -8.65
N GLU C 119 11.04 -32.04 -8.91
CA GLU C 119 11.02 -33.22 -8.05
C GLU C 119 11.56 -32.91 -6.66
N GLN C 120 12.63 -32.11 -6.58
CA GLN C 120 13.15 -31.78 -5.25
C GLN C 120 12.21 -30.84 -4.50
N ILE C 121 11.50 -29.97 -5.22
CA ILE C 121 10.52 -29.10 -4.58
C ILE C 121 9.37 -29.92 -4.02
N LYS C 122 8.79 -30.79 -4.85
CA LYS C 122 7.67 -31.62 -4.40
C LYS C 122 8.08 -32.61 -3.32
N ARG C 123 9.37 -32.95 -3.23
CA ARG C 123 9.82 -33.89 -2.22
C ARG C 123 9.92 -33.22 -0.85
N VAL C 124 10.34 -31.96 -0.81
CA VAL C 124 10.46 -31.26 0.46
C VAL C 124 9.07 -30.85 0.97
N LYS C 125 8.18 -30.46 0.07
CA LYS C 125 6.82 -30.07 0.42
C LYS C 125 5.92 -31.28 0.26
N ASP C 126 5.54 -31.91 1.37
CA ASP C 126 4.62 -33.05 1.31
C ASP C 126 3.26 -32.51 0.92
N SER C 127 3.16 -32.20 -0.36
CA SER C 127 1.97 -31.73 -1.01
C SER C 127 2.17 -32.08 -2.47
N GLU C 128 1.07 -32.18 -3.18
CA GLU C 128 1.20 -32.51 -4.57
C GLU C 128 0.65 -31.45 -5.44
N ASP C 129 0.34 -30.31 -4.87
CA ASP C 129 -0.16 -29.26 -5.69
C ASP C 129 0.64 -28.04 -5.32
N VAL C 130 1.86 -27.97 -5.80
CA VAL C 130 2.75 -26.84 -5.55
C VAL C 130 2.59 -25.87 -6.72
N PRO C 131 2.14 -24.64 -6.48
CA PRO C 131 2.04 -23.67 -7.58
C PRO C 131 3.37 -23.48 -8.28
N MET C 132 3.34 -23.51 -9.61
CA MET C 132 4.55 -23.54 -10.41
C MET C 132 4.24 -22.99 -11.79
N VAL C 133 5.23 -22.32 -12.38
CA VAL C 133 5.14 -21.81 -13.75
C VAL C 133 6.44 -22.14 -14.46
N LEU C 134 6.33 -22.71 -15.65
CA LEU C 134 7.51 -23.01 -16.47
C LEU C 134 7.85 -21.78 -17.31
N VAL C 135 9.09 -21.31 -17.19
CA VAL C 135 9.54 -20.08 -17.83
C VAL C 135 10.67 -20.43 -18.79
N GLY C 136 10.48 -20.09 -20.07
CA GLY C 136 11.53 -20.21 -21.06
C GLY C 136 12.09 -18.85 -21.44
N ASN C 137 13.27 -18.54 -20.90
CA ASN C 137 13.86 -17.21 -20.99
C ASN C 137 14.85 -17.11 -22.15
N LYS C 138 15.24 -15.87 -22.46
CA LYS C 138 16.18 -15.53 -23.53
C LYS C 138 15.56 -15.73 -24.91
N CYS C 139 14.27 -15.40 -25.02
CA CYS C 139 13.58 -15.54 -26.31
C CYS C 139 14.01 -14.49 -27.33
N ASP C 140 14.70 -13.44 -26.91
CA ASP C 140 15.23 -12.46 -27.85
C ASP C 140 16.34 -13.06 -28.72
N LEU C 141 16.96 -14.15 -28.28
CA LEU C 141 18.05 -14.74 -29.03
C LEU C 141 17.50 -15.64 -30.15
N PRO C 142 18.12 -15.64 -31.32
CA PRO C 142 17.64 -16.48 -32.42
C PRO C 142 18.13 -17.91 -32.35
N SER C 143 19.23 -18.18 -31.66
CA SER C 143 19.84 -19.52 -31.62
C SER C 143 19.07 -20.38 -30.64
N ARG C 144 17.98 -20.96 -31.13
CA ARG C 144 17.05 -21.71 -30.30
C ARG C 144 17.33 -23.20 -30.41
N THR C 145 17.53 -23.86 -29.27
CA THR C 145 17.74 -25.30 -29.21
C THR C 145 16.63 -26.06 -28.51
N VAL C 146 15.75 -25.38 -27.78
CA VAL C 146 14.54 -25.96 -27.22
C VAL C 146 13.36 -25.24 -27.84
N ASP C 147 12.45 -26.00 -28.45
CA ASP C 147 11.34 -25.39 -29.17
C ASP C 147 10.04 -25.43 -28.34
N THR C 148 9.06 -24.66 -28.81
CA THR C 148 7.89 -24.34 -28.00
C THR C 148 7.06 -25.58 -27.67
N LYS C 149 7.03 -26.56 -28.57
N LYS C 149 6.95 -26.54 -28.57
CA LYS C 149 6.19 -27.75 -28.36
CA LYS C 149 6.16 -27.71 -28.25
C LYS C 149 6.67 -28.55 -27.17
C LYS C 149 6.69 -28.55 -27.11
N GLN C 150 7.99 -28.78 -27.07
CA GLN C 150 8.53 -29.58 -25.98
C GLN C 150 8.23 -28.94 -24.63
N ALA C 151 8.32 -27.62 -24.54
CA ALA C 151 8.06 -26.93 -23.29
C ALA C 151 6.56 -26.95 -22.96
N GLN C 152 5.71 -26.72 -23.95
CA GLN C 152 4.28 -26.84 -23.73
C GLN C 152 3.89 -28.26 -23.34
N ASP C 153 4.59 -29.26 -23.91
CA ASP C 153 4.35 -30.64 -23.54
C ASP C 153 4.66 -30.88 -22.06
N LEU C 154 5.88 -30.51 -21.64
CA LEU C 154 6.27 -30.73 -20.26
C LEU C 154 5.39 -29.94 -19.30
N ALA C 155 4.99 -28.73 -19.70
CA ALA C 155 4.12 -27.92 -18.86
C ALA C 155 2.75 -28.58 -18.70
N ARG C 156 2.14 -28.99 -19.82
CA ARG C 156 0.84 -29.63 -19.75
C ARG C 156 0.89 -30.94 -18.96
N SER C 157 2.02 -31.65 -19.02
CA SER C 157 2.18 -32.87 -18.24
C SER C 157 2.32 -32.59 -16.75
N TYR C 158 2.57 -31.34 -16.36
CA TYR C 158 2.57 -30.93 -14.96
C TYR C 158 1.27 -30.23 -14.56
N GLY C 159 0.46 -29.81 -15.52
CA GLY C 159 -0.70 -28.99 -15.21
C GLY C 159 -0.36 -27.58 -14.82
N ILE C 160 0.75 -27.04 -15.34
CA ILE C 160 1.23 -25.71 -14.96
C ILE C 160 1.31 -24.83 -16.21
N PRO C 161 1.22 -23.51 -16.07
CA PRO C 161 1.37 -22.64 -17.25
C PRO C 161 2.80 -22.61 -17.75
N PHE C 162 2.94 -22.21 -19.00
CA PHE C 162 4.24 -21.99 -19.62
C PHE C 162 4.25 -20.61 -20.25
N ILE C 163 5.30 -19.84 -19.96
CA ILE C 163 5.44 -18.48 -20.46
C ILE C 163 6.84 -18.31 -21.01
N GLU C 164 6.94 -17.67 -22.18
CA GLU C 164 8.21 -17.35 -22.80
C GLU C 164 8.58 -15.91 -22.48
N THR C 165 9.79 -15.71 -21.96
CA THR C 165 10.21 -14.40 -21.47
C THR C 165 11.52 -13.99 -22.11
N SER C 166 11.79 -12.68 -22.02
CA SER C 166 13.11 -12.12 -22.28
C SER C 166 13.37 -11.08 -21.21
N ALA C 167 14.31 -11.35 -20.31
CA ALA C 167 14.72 -10.33 -19.37
C ALA C 167 15.36 -9.14 -20.07
N LYS C 168 15.89 -9.35 -21.27
CA LYS C 168 16.51 -8.24 -22.01
C LYS C 168 15.47 -7.23 -22.48
N THR C 169 14.42 -7.71 -23.14
CA THR C 169 13.39 -6.86 -23.72
C THR C 169 12.17 -6.69 -22.82
N ARG C 170 12.15 -7.38 -21.72
CA ARG C 170 11.10 -7.31 -20.78
C ARG C 170 9.87 -8.09 -21.19
N GLN C 171 9.95 -8.74 -22.32
CA GLN C 171 8.83 -9.51 -22.83
C GLN C 171 8.46 -10.63 -21.87
N GLY C 172 7.19 -10.68 -21.47
CA GLY C 172 6.66 -11.75 -20.66
C GLY C 172 7.06 -11.75 -19.20
N VAL C 173 7.98 -10.87 -18.79
CA VAL C 173 8.45 -10.87 -17.40
C VAL C 173 7.29 -10.69 -16.43
N ASP C 174 6.52 -9.60 -16.62
CA ASP C 174 5.37 -9.35 -15.77
C ASP C 174 4.38 -10.51 -15.84
N ASP C 175 4.18 -11.06 -17.04
CA ASP C 175 3.24 -12.17 -17.20
C ASP C 175 3.65 -13.38 -16.38
N ALA C 176 4.95 -13.69 -16.35
CA ALA C 176 5.41 -14.89 -15.67
C ALA C 176 5.18 -14.79 -14.16
N PHE C 177 5.53 -13.66 -13.56
CA PHE C 177 5.39 -13.52 -12.11
C PHE C 177 3.93 -13.40 -11.70
N TYR C 178 3.15 -12.58 -12.43
CA TYR C 178 1.74 -12.42 -12.08
C TYR C 178 0.97 -13.72 -12.23
N THR C 179 1.35 -14.55 -13.21
CA THR C 179 0.68 -15.84 -13.35
C THR C 179 0.93 -16.73 -12.15
N LEU C 180 2.16 -16.69 -11.61
CA LEU C 180 2.49 -17.54 -10.47
C LEU C 180 1.66 -17.19 -9.25
N VAL C 181 1.46 -15.90 -8.98
CA VAL C 181 0.66 -15.53 -7.82
C VAL C 181 -0.79 -15.91 -8.03
N ARG C 182 -1.28 -15.87 -9.28
CA ARG C 182 -2.63 -16.35 -9.55
C ARG C 182 -2.74 -17.85 -9.29
N GLU C 183 -1.66 -18.58 -9.55
CA GLU C 183 -1.64 -20.00 -9.21
C GLU C 183 -1.62 -20.21 -7.70
N ILE C 184 -0.97 -19.31 -6.95
CA ILE C 184 -0.90 -19.46 -5.50
C ILE C 184 -2.26 -19.19 -4.87
N ARG C 185 -2.95 -18.15 -5.33
CA ARG C 185 -4.28 -17.84 -4.80
C ARG C 185 -5.23 -19.01 -5.00
N LYS C 186 -5.24 -19.57 -6.21
CA LYS C 186 -6.15 -20.68 -6.50
C LYS C 186 -5.84 -21.90 -5.65
N HIS C 187 -4.60 -22.05 -5.21
CA HIS C 187 -4.22 -23.16 -4.35
C HIS C 187 -4.85 -23.01 -2.97
N GLN D 3 40.86 -6.18 5.27
CA GLN D 3 39.47 -6.17 5.51
C GLN D 3 38.86 -4.91 5.10
N LEU D 4 37.72 -4.80 5.66
CA LEU D 4 36.87 -3.64 5.48
C LEU D 4 36.85 -2.82 6.77
N VAL D 5 36.91 -1.49 6.62
CA VAL D 5 36.77 -0.58 7.75
C VAL D 5 35.31 -0.17 7.83
N GLU D 6 34.66 -0.52 8.93
CA GLU D 6 33.23 -0.29 9.12
C GLU D 6 33.03 0.72 10.25
N SER D 7 32.11 1.66 10.03
CA SER D 7 31.87 2.73 10.99
C SER D 7 30.50 3.33 10.72
N GLY D 8 30.11 4.26 11.59
CA GLY D 8 28.88 5.03 11.42
C GLY D 8 27.70 4.58 12.25
N GLY D 9 27.79 3.43 12.93
CA GLY D 9 26.69 2.94 13.74
C GLY D 9 26.67 3.57 15.12
N GLY D 10 25.87 2.97 15.99
CA GLY D 10 25.81 3.41 17.38
C GLY D 10 24.42 3.50 17.96
N LEU D 11 24.33 4.01 19.19
CA LEU D 11 23.05 4.18 19.89
C LEU D 11 22.49 5.54 19.51
N VAL D 12 21.23 5.54 19.06
CA VAL D 12 20.58 6.74 18.55
C VAL D 12 19.14 6.75 19.03
N GLN D 13 18.51 7.91 18.90
CA GLN D 13 17.11 8.08 19.27
C GLN D 13 16.25 8.15 18.00
N ALA D 14 15.00 7.74 18.14
CA ALA D 14 14.07 7.77 17.02
C ALA D 14 14.01 9.16 16.40
N GLY D 15 13.93 9.18 15.06
CA GLY D 15 13.91 10.42 14.31
C GLY D 15 15.26 10.94 13.89
N GLU D 16 16.35 10.47 14.52
CA GLU D 16 17.69 10.90 14.17
C GLU D 16 18.20 10.08 12.99
N SER D 17 19.44 10.35 12.57
CA SER D 17 19.98 9.75 11.36
C SER D 17 21.40 9.27 11.60
N LEU D 18 21.84 8.34 10.74
CA LEU D 18 23.21 7.85 10.73
C LEU D 18 23.64 7.61 9.30
N ARG D 19 24.97 7.60 9.10
CA ARG D 19 25.57 7.20 7.82
C ARG D 19 26.54 6.08 8.09
N LEU D 20 26.16 4.85 7.72
CA LEU D 20 27.06 3.72 7.84
C LEU D 20 28.09 3.74 6.72
N SER D 21 29.29 3.31 7.04
CA SER D 21 30.42 3.35 6.11
C SER D 21 31.06 1.97 6.02
N CYS D 22 31.55 1.64 4.83
CA CYS D 22 32.22 0.38 4.57
C CYS D 22 33.35 0.66 3.59
N ALA D 23 34.58 0.69 4.07
CA ALA D 23 35.73 1.14 3.30
C ALA D 23 36.68 -0.03 3.06
N ALA D 24 37.08 -0.21 1.81
CA ALA D 24 37.99 -1.28 1.42
C ALA D 24 39.40 -0.74 1.20
N SER D 25 40.38 -1.61 1.47
CA SER D 25 41.77 -1.26 1.15
C SER D 25 42.03 -1.36 -0.35
N VAL D 26 41.33 -2.24 -1.04
CA VAL D 26 41.51 -2.51 -2.45
C VAL D 26 40.52 -1.69 -3.25
N SER D 27 40.89 -1.34 -4.48
CA SER D 27 39.96 -0.63 -5.37
C SER D 27 38.68 -1.44 -5.56
N ILE D 28 37.55 -0.73 -5.56
CA ILE D 28 36.24 -1.33 -5.76
C ILE D 28 35.66 -1.03 -7.12
N PHE D 29 36.42 -0.37 -8.00
CA PHE D 29 35.89 0.05 -9.30
C PHE D 29 35.39 -1.15 -10.11
N SER D 30 36.08 -2.29 -10.01
CA SER D 30 35.71 -3.47 -10.77
C SER D 30 34.53 -4.22 -10.17
N ILE D 31 34.10 -3.87 -8.95
CA ILE D 31 32.96 -4.52 -8.33
C ILE D 31 31.69 -3.87 -8.85
N ASN D 32 30.79 -4.68 -9.41
CA ASN D 32 29.65 -4.15 -10.14
C ASN D 32 28.42 -3.88 -9.28
N THR D 33 28.24 -4.60 -8.17
CA THR D 33 27.06 -4.41 -7.33
C THR D 33 27.47 -4.39 -5.86
N MET D 34 26.71 -3.62 -5.08
CA MET D 34 26.94 -3.48 -3.65
C MET D 34 25.61 -3.55 -2.92
N GLY D 35 25.64 -4.09 -1.71
CA GLY D 35 24.42 -4.22 -0.94
C GLY D 35 24.67 -4.03 0.54
N TRP D 36 23.60 -3.67 1.24
CA TRP D 36 23.60 -3.58 2.69
C TRP D 36 22.56 -4.55 3.24
N TYR D 37 22.93 -5.30 4.26
CA TYR D 37 22.06 -6.26 4.93
C TYR D 37 21.88 -5.85 6.38
N ARG D 38 20.81 -6.35 6.99
CA ARG D 38 20.64 -6.19 8.43
C ARG D 38 19.97 -7.43 9.00
N GLN D 39 20.25 -7.70 10.27
CA GLN D 39 19.56 -8.72 11.04
C GLN D 39 19.09 -8.10 12.34
N ALA D 40 17.79 -7.95 12.49
CA ALA D 40 17.14 -7.47 13.69
C ALA D 40 17.00 -8.59 14.69
N PRO D 41 16.85 -8.27 15.99
CA PRO D 41 16.68 -9.32 16.99
C PRO D 41 15.53 -10.26 16.65
N GLY D 42 15.80 -11.56 16.68
CA GLY D 42 14.78 -12.55 16.46
C GLY D 42 14.22 -12.61 15.05
N LYS D 43 14.90 -12.02 14.08
CA LYS D 43 14.44 -12.03 12.70
C LYS D 43 15.57 -12.48 11.78
N PRO D 44 15.24 -13.07 10.64
CA PRO D 44 16.29 -13.47 9.69
C PRO D 44 16.91 -12.26 9.01
N ARG D 45 18.14 -12.45 8.56
CA ARG D 45 18.85 -11.43 7.80
C ARG D 45 18.07 -11.05 6.56
N GLU D 46 18.08 -9.76 6.23
CA GLU D 46 17.38 -9.26 5.05
C GLU D 46 18.28 -8.29 4.30
N LEU D 47 18.12 -8.30 2.97
CA LEU D 47 18.77 -7.31 2.11
C LEU D 47 18.02 -5.99 2.24
N VAL D 48 18.71 -4.94 2.66
CA VAL D 48 18.06 -3.65 2.90
C VAL D 48 18.15 -2.75 1.68
N ALA D 49 19.29 -2.77 0.99
CA ALA D 49 19.48 -1.91 -0.17
C ALA D 49 20.54 -2.52 -1.07
N ARG D 50 20.38 -2.30 -2.37
CA ARG D 50 21.36 -2.76 -3.34
C ARG D 50 21.47 -1.73 -4.46
N ILE D 51 22.70 -1.51 -4.92
CA ILE D 51 22.96 -0.66 -6.07
C ILE D 51 23.51 -1.53 -7.20
N PHE D 52 23.01 -1.31 -8.40
CA PHE D 52 23.34 -2.12 -9.56
C PHE D 52 24.19 -1.33 -10.54
N THR D 53 24.86 -2.06 -11.44
CA THR D 53 25.53 -1.40 -12.56
C THR D 53 24.50 -0.62 -13.37
N GLY D 54 24.85 0.60 -13.73
CA GLY D 54 23.91 1.53 -14.32
C GLY D 54 23.36 2.54 -13.33
N GLY D 55 23.49 2.28 -12.02
CA GLY D 55 23.16 3.24 -11.01
C GLY D 55 21.84 3.04 -10.29
N SER D 56 20.95 2.19 -10.81
CA SER D 56 19.66 2.02 -10.16
C SER D 56 19.83 1.35 -8.79
N THR D 57 18.86 1.61 -7.91
CA THR D 57 18.94 1.17 -6.52
C THR D 57 17.64 0.50 -6.10
N TYR D 58 17.77 -0.48 -5.21
CA TYR D 58 16.64 -1.17 -4.61
C TYR D 58 16.64 -0.92 -3.11
N TYR D 59 15.45 -0.83 -2.52
CA TYR D 59 15.30 -0.69 -1.07
C TYR D 59 14.14 -1.55 -0.61
N VAL D 60 14.31 -2.23 0.53
CA VAL D 60 13.16 -2.91 1.13
C VAL D 60 12.08 -1.88 1.44
N ASP D 61 10.83 -2.35 1.41
CA ASP D 61 9.69 -1.45 1.59
C ASP D 61 9.77 -0.70 2.91
N SER D 62 10.29 -1.34 3.96
CA SER D 62 10.30 -0.74 5.28
C SER D 62 11.26 0.44 5.41
N VAL D 63 12.21 0.59 4.49
CA VAL D 63 13.17 1.69 4.55
C VAL D 63 13.08 2.61 3.34
N LYS D 64 12.25 2.29 2.35
CA LYS D 64 12.16 3.09 1.14
C LYS D 64 11.76 4.52 1.48
N GLY D 65 12.51 5.48 0.93
CA GLY D 65 12.31 6.88 1.23
C GLY D 65 13.17 7.42 2.34
N ARG D 66 13.69 6.56 3.21
CA ARG D 66 14.51 6.97 4.34
C ARG D 66 15.98 6.61 4.18
N PHE D 67 16.29 5.54 3.47
CA PHE D 67 17.65 5.06 3.30
C PHE D 67 18.16 5.36 1.89
N THR D 68 19.46 5.64 1.80
CA THR D 68 20.13 5.83 0.52
C THR D 68 21.44 5.07 0.50
N ILE D 69 21.62 4.20 -0.48
CA ILE D 69 22.87 3.49 -0.70
C ILE D 69 23.65 4.22 -1.78
N SER D 70 24.95 4.38 -1.57
CA SER D 70 25.81 5.03 -2.55
C SER D 70 27.20 4.41 -2.48
N ARG D 71 27.98 4.64 -3.53
CA ARG D 71 29.36 4.21 -3.58
C ARG D 71 30.23 5.37 -4.02
N ASP D 72 31.44 5.43 -3.47
CA ASP D 72 32.44 6.44 -3.84
C ASP D 72 33.71 5.67 -4.20
N ASN D 73 33.86 5.37 -5.49
CA ASN D 73 34.95 4.50 -5.94
C ASN D 73 36.32 5.12 -5.61
N ALA D 74 36.45 6.43 -5.74
CA ALA D 74 37.73 7.08 -5.50
C ALA D 74 38.19 6.92 -4.05
N LYS D 75 37.26 6.71 -3.12
CA LYS D 75 37.61 6.46 -1.73
C LYS D 75 37.44 5.01 -1.33
N ASN D 76 37.12 4.13 -2.29
CA ASN D 76 36.92 2.70 -2.02
C ASN D 76 35.91 2.46 -0.90
N THR D 77 34.85 3.26 -0.88
CA THR D 77 33.92 3.26 0.24
C THR D 77 32.48 3.14 -0.26
N VAL D 78 31.68 2.38 0.46
CA VAL D 78 30.25 2.25 0.24
C VAL D 78 29.52 2.80 1.46
N TYR D 79 28.40 3.48 1.23
CA TYR D 79 27.67 4.15 2.29
C TYR D 79 26.22 3.70 2.34
N LEU D 80 25.62 3.82 3.53
CA LEU D 80 24.18 3.71 3.71
C LEU D 80 23.73 4.87 4.59
N GLN D 81 23.12 5.88 3.97
CA GLN D 81 22.53 6.98 4.71
C GLN D 81 21.17 6.56 5.24
N MET D 82 20.97 6.70 6.55
CA MET D 82 19.75 6.24 7.21
C MET D 82 19.09 7.43 7.92
N ASN D 83 18.02 7.94 7.35
CA ASN D 83 17.31 9.08 7.92
C ASN D 83 16.03 8.62 8.60
N GLN D 84 15.53 9.47 9.50
CA GLN D 84 14.24 9.26 10.18
C GLN D 84 14.19 7.87 10.82
N LEU D 85 15.23 7.56 11.59
CA LEU D 85 15.39 6.22 12.13
C LEU D 85 14.23 5.85 13.05
N LYS D 86 13.85 4.58 13.00
CA LYS D 86 12.76 4.02 13.78
C LYS D 86 13.30 2.91 14.68
N PRO D 87 12.60 2.58 15.78
CA PRO D 87 13.07 1.50 16.64
C PRO D 87 13.22 0.17 15.91
N GLU D 88 12.35 -0.12 14.95
CA GLU D 88 12.44 -1.34 14.16
C GLU D 88 13.62 -1.34 13.20
N ASP D 89 14.38 -0.24 13.12
CA ASP D 89 15.63 -0.25 12.38
C ASP D 89 16.78 -0.84 13.19
N THR D 90 16.55 -1.14 14.47
CA THR D 90 17.59 -1.70 15.32
C THR D 90 18.07 -3.04 14.78
N GLY D 91 19.38 -3.21 14.72
CA GLY D 91 19.96 -4.46 14.29
C GLY D 91 21.41 -4.31 13.93
N VAL D 92 22.00 -5.42 13.49
CA VAL D 92 23.37 -5.46 13.03
C VAL D 92 23.37 -5.32 11.52
N TYR D 93 24.16 -4.39 11.00
CA TYR D 93 24.18 -4.07 9.58
C TYR D 93 25.47 -4.55 8.95
N TYR D 94 25.36 -5.12 7.74
CA TYR D 94 26.50 -5.67 7.02
C TYR D 94 26.53 -5.13 5.60
N CYS D 95 27.65 -4.53 5.22
CA CYS D 95 27.92 -4.23 3.82
C CYS D 95 28.38 -5.50 3.11
N ARG D 96 27.97 -5.64 1.85
CA ARG D 96 28.41 -6.73 1.00
C ARG D 96 28.86 -6.15 -0.33
N LEU D 97 30.17 -6.22 -0.60
CA LEU D 97 30.74 -5.71 -1.83
C LEU D 97 30.87 -6.87 -2.79
N GLY D 98 30.06 -6.84 -3.86
CA GLY D 98 30.05 -7.95 -4.79
C GLY D 98 29.51 -9.19 -4.12
N ALA D 99 30.09 -10.34 -4.50
CA ALA D 99 29.59 -11.61 -4.00
C ALA D 99 30.15 -11.98 -2.63
N ASP D 100 31.42 -11.74 -2.44
N ASP D 100 31.44 -11.80 -2.46
CA ASP D 100 32.11 -12.30 -1.33
CA ASP D 100 32.14 -12.34 -1.33
C ASP D 100 32.80 -11.49 -0.29
C ASP D 100 32.76 -11.48 -0.25
N TYR D 101 32.75 -10.17 -0.43
N TYR D 101 32.68 -10.18 -0.42
CA TYR D 101 33.40 -9.28 0.52
CA TYR D 101 33.33 -9.22 0.47
C TYR D 101 32.34 -8.74 1.49
C TYR D 101 32.31 -8.72 1.49
N TRP D 102 32.33 -9.30 2.69
CA TRP D 102 31.37 -8.97 3.73
C TRP D 102 32.03 -8.18 4.84
N GLY D 103 31.35 -7.14 5.32
CA GLY D 103 31.72 -6.55 6.59
C GLY D 103 31.33 -7.45 7.75
N GLN D 104 32.05 -7.31 8.85
CA GLN D 104 31.76 -8.12 10.02
C GLN D 104 30.62 -7.57 10.86
N GLY D 105 30.09 -6.39 10.51
CA GLY D 105 28.91 -5.89 11.16
C GLY D 105 29.10 -4.60 11.93
N THR D 106 28.07 -3.75 11.94
CA THR D 106 28.01 -2.59 12.82
C THR D 106 26.64 -2.52 13.46
N GLN D 107 26.62 -2.39 14.79
CA GLN D 107 25.36 -2.28 15.51
C GLN D 107 24.80 -0.87 15.36
N VAL D 108 23.50 -0.80 15.07
CA VAL D 108 22.74 0.44 15.25
C VAL D 108 21.54 0.12 16.13
N THR D 109 21.33 0.94 17.14
CA THR D 109 20.25 0.76 18.10
C THR D 109 19.48 2.06 18.18
N VAL D 110 18.17 2.00 17.95
CA VAL D 110 17.32 3.18 17.89
C VAL D 110 16.31 3.08 19.03
N SER D 111 16.43 3.97 20.00
CA SER D 111 15.52 3.99 21.14
C SER D 111 14.38 4.98 20.90
N SER D 112 13.27 4.73 21.59
CA SER D 112 12.12 5.63 21.55
C SER D 112 12.12 6.55 22.76
#